data_3TYA
#
_entry.id   3TYA
#
_cell.length_a   98.347
_cell.length_b   98.347
_cell.length_c   263.892
_cell.angle_alpha   90.000
_cell.angle_beta   90.000
_cell.angle_gamma   120.000
#
_symmetry.space_group_name_H-M   'P 62 2 2'
#
loop_
_entity.id
_entity.type
_entity.pdbx_description
1 polymer 'Dihydropteroate synthase'
2 non-polymer 7,8-DIHYDROPTEROATE
3 non-polymer 'SULFATE ION'
4 water water
#
_entity_poly.entity_id   1
_entity_poly.type   'polypeptide(L)'
_entity_poly.pdbx_seq_one_letter_code
;MGSSHHHHHHSSGLVPRGSHMKWDYDLRCGEYTLNLNEKTLIMGILNVTPDSFSDGGSYNEVDAAVRHAKEMRDEGAHII
DIGGESTRPGFAKVSVEEEIKRVVPMIQAVSKEVKLPISIDTYKAEVAKQAIEAGAHIINDIWGAKAEPKIAEVAAHYDV
PIILMHNRDNMNYRNLMADMIADLYDSIKIAKDAGVRDENIILDPGIGFAKTPEQNLEAMRNLEQLNVLGYPVLLGTSRK
SFIGHVLDLPVEERLEGTGATVCLGIEKGCEFVRVHDVKEMSRMAKMMDAMIGKGVK
;
_entity_poly.pdbx_strand_id   A,B
#
# COMPACT_ATOMS: atom_id res chain seq x y z
N LYS A 22 28.44 17.12 -26.25
CA LYS A 22 28.57 15.72 -26.82
C LYS A 22 27.23 15.10 -27.25
N TRP A 23 26.16 15.34 -26.48
CA TRP A 23 24.80 15.15 -26.95
C TRP A 23 24.20 16.54 -26.97
N ASP A 24 23.57 16.92 -28.08
CA ASP A 24 23.00 18.26 -28.21
C ASP A 24 21.54 18.33 -27.80
N TYR A 25 21.09 17.28 -27.09
CA TYR A 25 19.71 17.16 -26.69
C TYR A 25 19.52 16.44 -25.36
N ASP A 26 18.49 16.83 -24.62
CA ASP A 26 18.08 16.16 -23.40
C ASP A 26 17.11 15.04 -23.75
N LEU A 27 17.02 14.05 -22.87
CA LEU A 27 16.04 13.00 -23.02
C LEU A 27 14.74 13.49 -22.39
N ARG A 28 13.74 13.70 -23.24
CA ARG A 28 12.47 14.25 -22.81
C ARG A 28 11.48 13.17 -22.35
N CYS A 29 11.09 13.23 -21.08
CA CYS A 29 10.25 12.22 -20.46
C CYS A 29 8.98 12.78 -19.81
N GLY A 30 8.18 13.49 -20.61
CA GLY A 30 6.95 14.09 -20.12
C GLY A 30 7.24 15.03 -18.98
N GLU A 31 6.70 14.73 -17.81
CA GLU A 31 7.01 15.47 -16.60
C GLU A 31 8.53 15.73 -16.40
N TYR A 32 9.37 14.70 -16.54
CA TYR A 32 10.82 14.82 -16.24
C TYR A 32 11.71 15.00 -17.47
N THR A 33 12.98 15.33 -17.23
CA THR A 33 14.00 15.54 -18.26
C THR A 33 15.32 14.95 -17.83
N LEU A 34 15.91 14.13 -18.69
CA LEU A 34 17.16 13.47 -18.37
C LEU A 34 18.31 13.98 -19.23
N ASN A 35 19.32 14.55 -18.57
CA ASN A 35 20.53 15.06 -19.21
C ASN A 35 21.54 13.93 -19.40
N LEU A 36 22.02 13.80 -20.63
CA LEU A 36 22.88 12.67 -20.97
C LEU A 36 24.38 13.00 -20.86
N ASN A 37 24.71 14.26 -20.58
CA ASN A 37 26.11 14.66 -20.51
C ASN A 37 26.72 14.67 -19.11
N GLU A 38 25.89 14.79 -18.08
CA GLU A 38 26.45 15.07 -16.76
C GLU A 38 26.85 13.83 -15.99
N LYS A 39 26.08 12.76 -16.12
CA LYS A 39 26.37 11.53 -15.40
C LYS A 39 25.81 10.31 -16.10
N THR A 40 26.39 9.12 -15.83
CA THR A 40 25.74 7.87 -16.18
C THR A 40 24.44 7.78 -15.37
N LEU A 41 23.31 7.62 -16.09
CA LEU A 41 21.96 7.49 -15.54
C LEU A 41 21.70 6.04 -15.14
N ILE A 42 21.10 5.83 -13.97
CA ILE A 42 20.96 4.49 -13.38
C ILE A 42 19.51 4.09 -13.43
N MET A 43 19.22 2.97 -14.07
CA MET A 43 17.84 2.47 -14.10
C MET A 43 17.70 1.28 -13.15
N GLY A 44 16.80 1.40 -12.19
CA GLY A 44 16.69 0.39 -11.13
C GLY A 44 15.65 -0.64 -11.50
N ILE A 45 16.00 -1.91 -11.39
CA ILE A 45 15.09 -2.98 -11.79
C ILE A 45 14.04 -3.24 -10.71
N LEU A 46 12.76 -3.09 -11.07
CA LEU A 46 11.67 -3.42 -10.14
C LEU A 46 11.06 -4.79 -10.44
N ASN A 47 11.40 -5.74 -9.56
CA ASN A 47 10.80 -7.06 -9.48
C ASN A 47 9.30 -7.04 -9.17
N VAL A 48 8.51 -7.66 -10.04
CA VAL A 48 7.06 -7.75 -9.84
C VAL A 48 6.69 -9.15 -9.33
N THR A 49 6.77 -9.33 -8.00
CA THR A 49 6.52 -10.61 -7.32
C THR A 49 5.01 -10.87 -7.11
N PRO A 50 4.41 -11.74 -7.96
CA PRO A 50 2.96 -12.00 -7.86
C PRO A 50 2.60 -13.06 -6.80
N GLY A 56 -3.22 -9.14 -10.87
CA GLY A 56 -2.64 -8.37 -9.76
C GLY A 56 -3.66 -7.49 -9.05
N GLY A 57 -3.14 -6.48 -8.33
CA GLY A 57 -3.96 -5.49 -7.65
C GLY A 57 -3.72 -5.41 -6.15
N SER A 58 -3.47 -6.58 -5.53
CA SER A 58 -3.49 -6.75 -4.06
C SER A 58 -2.59 -5.77 -3.31
N TYR A 59 -2.97 -5.47 -2.06
CA TYR A 59 -2.20 -4.47 -1.27
C TYR A 59 -0.72 -4.85 -1.05
N ASN A 60 -0.50 -6.23 -0.72
CA ASN A 60 0.88 -6.70 -0.46
C ASN A 60 1.84 -6.42 -1.62
N GLU A 61 1.35 -6.72 -2.82
CA GLU A 61 2.14 -6.66 -4.04
C GLU A 61 2.48 -5.21 -4.40
N VAL A 62 1.46 -4.35 -4.45
CA VAL A 62 1.64 -2.94 -4.82
C VAL A 62 2.37 -2.15 -3.74
N ASP A 63 2.19 -2.57 -2.47
CA ASP A 63 2.82 -1.87 -1.34
C ASP A 63 4.33 -2.19 -1.27
N ALA A 64 4.69 -3.48 -1.52
CA ALA A 64 6.11 -3.88 -1.50
C ALA A 64 6.87 -3.34 -2.71
N ALA A 65 6.15 -3.12 -3.81
CA ALA A 65 6.75 -2.56 -5.00
C ALA A 65 7.04 -1.08 -4.79
N VAL A 66 6.13 -0.40 -4.10
CA VAL A 66 6.30 1.04 -3.81
C VAL A 66 7.45 1.27 -2.84
N ARG A 67 7.58 0.39 -1.85
CA ARG A 67 8.63 0.54 -0.84
C ARG A 67 9.96 0.30 -1.49
N HIS A 68 9.98 -0.58 -2.48
CA HIS A 68 11.20 -0.95 -3.15
C HIS A 68 11.60 0.13 -4.12
N ALA A 69 10.63 0.78 -4.73
CA ALA A 69 10.89 1.92 -5.60
C ALA A 69 11.35 3.12 -4.80
N LYS A 70 10.77 3.33 -3.62
CA LYS A 70 11.19 4.44 -2.78
C LYS A 70 12.64 4.21 -2.36
N GLU A 71 12.97 2.96 -2.08
CA GLU A 71 14.30 2.60 -1.64
C GLU A 71 15.32 2.90 -2.74
N MET A 72 14.97 2.53 -3.96
CA MET A 72 15.87 2.72 -5.06
C MET A 72 16.09 4.18 -5.39
N ARG A 73 15.03 5.00 -5.25
CA ARG A 73 15.16 6.45 -5.41
C ARG A 73 16.14 6.99 -4.38
N ASP A 74 16.02 6.52 -3.13
CA ASP A 74 16.89 6.95 -2.04
C ASP A 74 18.37 6.60 -2.23
N GLU A 75 18.64 5.60 -3.05
CA GLU A 75 20.00 5.07 -3.17
C GLU A 75 20.73 5.55 -4.43
N GLY A 76 20.07 6.42 -5.20
CA GLY A 76 20.67 7.09 -6.35
C GLY A 76 20.15 6.74 -7.75
N ALA A 77 18.97 6.12 -7.82
CA ALA A 77 18.39 5.70 -9.10
C ALA A 77 17.78 6.87 -9.83
N HIS A 78 17.84 6.84 -11.17
CA HIS A 78 17.29 7.92 -11.98
C HIS A 78 16.02 7.57 -12.76
N ILE A 79 15.77 6.27 -12.91
CA ILE A 79 14.63 5.71 -13.65
C ILE A 79 14.17 4.44 -12.94
N ILE A 80 12.87 4.20 -12.84
CA ILE A 80 12.39 2.90 -12.35
C ILE A 80 11.92 2.02 -13.51
N ASP A 81 12.45 0.80 -13.61
CA ASP A 81 12.06 -0.14 -14.67
C ASP A 81 11.10 -1.21 -14.15
N ILE A 82 9.82 -1.04 -14.49
CA ILE A 82 8.76 -1.94 -14.04
C ILE A 82 8.40 -2.96 -15.11
N GLY A 83 8.55 -4.25 -14.78
CA GLY A 83 8.16 -5.33 -15.67
C GLY A 83 8.65 -6.70 -15.20
N GLY A 84 7.74 -7.69 -15.25
CA GLY A 84 8.08 -9.10 -14.95
C GLY A 84 7.66 -10.07 -16.04
N GLU A 85 8.12 -11.33 -15.92
CA GLU A 85 7.82 -12.43 -16.87
C GLU A 85 8.89 -12.63 -17.96
N SER A 86 10.06 -12.03 -17.78
CA SER A 86 11.23 -12.23 -18.66
C SER A 86 12.43 -12.76 -17.84
N THR A 87 13.01 -13.87 -18.29
CA THR A 87 14.11 -14.58 -17.60
C THR A 87 14.38 -15.96 -18.23
N ALA A 92 8.30 -18.20 -19.16
CA ALA A 92 6.83 -18.29 -19.14
C ALA A 92 6.21 -17.54 -20.32
N LYS A 93 4.89 -17.70 -20.50
CA LYS A 93 4.16 -17.02 -21.58
C LYS A 93 2.70 -16.73 -21.16
N VAL A 94 2.51 -15.57 -20.52
CA VAL A 94 1.20 -15.17 -19.98
C VAL A 94 0.37 -14.45 -21.05
N SER A 95 -0.96 -14.48 -20.89
CA SER A 95 -1.86 -13.77 -21.79
C SER A 95 -1.82 -12.26 -21.52
N VAL A 96 -2.06 -11.47 -22.57
CA VAL A 96 -1.88 -10.02 -22.52
C VAL A 96 -2.82 -9.29 -21.56
N GLU A 97 -4.10 -9.65 -21.57
CA GLU A 97 -5.11 -8.97 -20.76
C GLU A 97 -4.81 -9.12 -19.25
N GLU A 98 -3.93 -10.07 -18.95
CA GLU A 98 -3.48 -10.34 -17.58
C GLU A 98 -2.29 -9.50 -17.18
N GLU A 99 -1.30 -9.42 -18.07
CA GLU A 99 -0.09 -8.62 -17.87
C GLU A 99 -0.45 -7.18 -17.47
N ILE A 100 -1.56 -6.68 -18.01
CA ILE A 100 -2.09 -5.35 -17.69
C ILE A 100 -2.62 -5.29 -16.26
N LYS A 101 -3.46 -6.27 -15.89
CA LYS A 101 -3.98 -6.40 -14.52
C LYS A 101 -2.84 -6.40 -13.49
N ARG A 102 -1.73 -7.03 -13.87
CA ARG A 102 -0.53 -7.10 -13.05
C ARG A 102 0.15 -5.73 -12.93
N VAL A 103 0.40 -5.10 -14.07
CA VAL A 103 1.38 -4.02 -14.19
C VAL A 103 0.80 -2.60 -14.12
N VAL A 104 -0.47 -2.45 -14.48
CA VAL A 104 -1.11 -1.12 -14.48
C VAL A 104 -1.19 -0.48 -13.08
N PRO A 105 -1.69 -1.24 -12.06
CA PRO A 105 -1.73 -0.72 -10.69
C PRO A 105 -0.35 -0.35 -10.15
N MET A 106 0.66 -1.12 -10.53
CA MET A 106 2.04 -0.86 -10.14
C MET A 106 2.53 0.51 -10.57
N ILE A 107 2.16 0.90 -11.79
CA ILE A 107 2.60 2.17 -12.36
C ILE A 107 1.87 3.38 -11.75
N GLN A 108 0.54 3.24 -11.62
CA GLN A 108 -0.28 4.28 -11.00
C GLN A 108 0.24 4.64 -9.61
N ALA A 109 0.66 3.64 -8.86
CA ALA A 109 1.15 3.82 -7.50
C ALA A 109 2.54 4.47 -7.46
N VAL A 110 3.50 3.87 -8.15
CA VAL A 110 4.89 4.32 -8.14
C VAL A 110 5.07 5.75 -8.66
N SER A 111 4.47 6.05 -9.82
CA SER A 111 4.53 7.40 -10.38
C SER A 111 3.87 8.45 -9.47
N LYS A 112 2.94 8.00 -8.62
CA LYS A 112 2.25 8.92 -7.72
C LYS A 112 3.12 9.26 -6.51
N GLU A 113 3.91 8.28 -6.06
CA GLU A 113 4.61 8.39 -4.78
C GLU A 113 6.13 8.45 -4.89
N VAL A 114 6.64 8.27 -6.11
CA VAL A 114 8.07 8.38 -6.41
C VAL A 114 8.27 9.29 -7.64
N LYS A 115 8.77 10.50 -7.40
CA LYS A 115 8.92 11.50 -8.48
C LYS A 115 10.10 11.20 -9.42
N LEU A 116 9.87 10.25 -10.34
CA LEU A 116 10.92 9.65 -11.15
C LEU A 116 10.31 9.03 -12.42
N PRO A 117 11.06 9.04 -13.55
CA PRO A 117 10.51 8.47 -14.79
C PRO A 117 10.37 6.97 -14.68
N ILE A 118 9.33 6.41 -15.28
CA ILE A 118 9.15 4.97 -15.24
C ILE A 118 9.18 4.43 -16.64
N SER A 119 9.94 3.36 -16.83
CA SER A 119 9.89 2.63 -18.07
C SER A 119 9.12 1.34 -17.85
N ILE A 120 8.39 0.94 -18.88
CA ILE A 120 7.64 -0.31 -18.85
C ILE A 120 8.40 -1.38 -19.64
N ASP A 121 8.66 -2.51 -19.01
CA ASP A 121 9.43 -3.60 -19.61
C ASP A 121 8.50 -4.64 -20.25
N THR A 122 8.10 -4.37 -21.49
CA THR A 122 7.27 -5.26 -22.29
C THR A 122 7.69 -5.20 -23.75
N TYR A 123 7.25 -6.18 -24.54
CA TYR A 123 7.38 -6.11 -26.01
C TYR A 123 6.01 -5.95 -26.68
N LYS A 124 4.96 -6.27 -25.93
CA LYS A 124 3.58 -6.26 -26.45
C LYS A 124 2.99 -4.87 -26.60
N ALA A 125 2.38 -4.62 -27.76
CA ALA A 125 1.87 -3.30 -28.11
C ALA A 125 0.73 -2.87 -27.19
N GLU A 126 -0.20 -3.78 -26.94
CA GLU A 126 -1.36 -3.49 -26.11
C GLU A 126 -1.01 -3.22 -24.64
N VAL A 127 0.05 -3.88 -24.17
CA VAL A 127 0.53 -3.72 -22.80
C VAL A 127 1.22 -2.36 -22.63
N ALA A 128 2.04 -1.99 -23.61
CA ALA A 128 2.73 -0.70 -23.60
C ALA A 128 1.73 0.47 -23.58
N LYS A 129 0.76 0.42 -24.48
CA LYS A 129 -0.28 1.43 -24.56
C LYS A 129 -0.86 1.75 -23.17
N GLN A 130 -1.22 0.71 -22.43
CA GLN A 130 -1.83 0.85 -21.10
C GLN A 130 -0.90 1.53 -20.11
N ALA A 131 0.37 1.12 -20.16
CA ALA A 131 1.39 1.56 -19.22
C ALA A 131 1.61 3.06 -19.27
N ILE A 132 1.71 3.61 -20.48
CA ILE A 132 1.86 5.04 -20.64
C ILE A 132 0.59 5.76 -20.21
N GLU A 133 -0.55 5.13 -20.52
CA GLU A 133 -1.86 5.63 -20.13
C GLU A 133 -1.98 5.63 -18.60
N ALA A 134 -1.33 4.66 -17.95
CA ALA A 134 -1.34 4.57 -16.51
C ALA A 134 -0.26 5.47 -15.90
N GLY A 135 0.61 6.02 -16.73
CA GLY A 135 1.63 6.97 -16.26
C GLY A 135 3.10 6.64 -16.50
N ALA A 136 3.39 5.65 -17.33
CA ALA A 136 4.79 5.23 -17.61
C ALA A 136 5.41 6.04 -18.76
N HIS A 137 6.71 6.33 -18.66
CA HIS A 137 7.39 7.34 -19.50
C HIS A 137 8.33 6.85 -20.59
N ILE A 138 8.89 5.66 -20.43
CA ILE A 138 9.81 5.13 -21.43
C ILE A 138 9.31 3.75 -21.80
N ILE A 139 9.50 3.33 -23.03
CA ILE A 139 9.23 1.94 -23.33
C ILE A 139 10.53 1.16 -23.35
N ASN A 140 10.47 -0.08 -22.87
CA ASN A 140 11.63 -0.93 -22.85
C ASN A 140 11.31 -2.25 -23.56
N ASP A 141 11.62 -2.32 -24.86
CA ASP A 141 11.29 -3.50 -25.66
C ASP A 141 12.45 -4.45 -25.84
N ILE A 142 12.34 -5.65 -25.27
CA ILE A 142 13.39 -6.67 -25.34
C ILE A 142 13.42 -7.40 -26.69
N TRP A 143 12.49 -7.08 -27.58
CA TRP A 143 12.48 -7.62 -28.93
C TRP A 143 12.65 -6.55 -29.96
N GLY A 144 12.99 -5.33 -29.52
CA GLY A 144 13.31 -4.22 -30.42
C GLY A 144 12.34 -4.07 -31.58
N ALA A 145 11.05 -4.01 -31.26
CA ALA A 145 9.95 -3.82 -32.22
C ALA A 145 9.74 -4.96 -33.21
N LYS A 146 10.49 -6.05 -33.05
CA LYS A 146 10.34 -7.22 -33.94
C LYS A 146 9.26 -8.20 -33.46
N ALA A 147 8.96 -8.17 -32.17
CA ALA A 147 7.92 -9.00 -31.59
C ALA A 147 6.54 -8.57 -32.09
N GLU A 148 6.23 -7.29 -31.89
CA GLU A 148 4.96 -6.71 -32.31
C GLU A 148 5.24 -5.32 -32.87
N PRO A 149 5.52 -5.23 -34.20
CA PRO A 149 5.97 -4.00 -34.85
C PRO A 149 5.10 -2.80 -34.49
N LYS A 150 3.83 -3.10 -34.21
CA LYS A 150 2.85 -2.13 -33.78
C LYS A 150 3.20 -1.40 -32.47
N ILE A 151 4.15 -1.92 -31.70
CA ILE A 151 4.58 -1.23 -30.49
C ILE A 151 5.22 0.11 -30.85
N ALA A 152 6.09 0.08 -31.87
CA ALA A 152 6.81 1.28 -32.28
C ALA A 152 5.83 2.40 -32.64
N GLU A 153 4.66 2.03 -33.17
CA GLU A 153 3.58 2.98 -33.44
C GLU A 153 3.00 3.60 -32.16
N VAL A 154 2.90 2.79 -31.11
CA VAL A 154 2.50 3.27 -29.78
C VAL A 154 3.55 4.28 -29.28
N ALA A 155 4.83 3.96 -29.44
CA ALA A 155 5.92 4.86 -29.08
C ALA A 155 5.86 6.21 -29.81
N ALA A 156 5.67 6.15 -31.13
CA ALA A 156 5.56 7.35 -31.96
C ALA A 156 4.40 8.21 -31.50
N HIS A 157 3.26 7.57 -31.21
CA HIS A 157 2.03 8.29 -30.88
C HIS A 157 2.04 9.06 -29.56
N TYR A 158 2.49 8.42 -28.48
CA TYR A 158 2.57 9.09 -27.18
C TYR A 158 3.87 9.89 -27.06
N ASP A 159 4.78 9.70 -28.04
CA ASP A 159 6.01 10.48 -28.15
C ASP A 159 7.02 10.12 -27.05
N VAL A 160 6.97 8.87 -26.58
CA VAL A 160 7.86 8.43 -25.52
C VAL A 160 9.19 7.93 -26.06
N PRO A 161 10.24 7.99 -25.23
CA PRO A 161 11.49 7.40 -25.66
C PRO A 161 11.31 5.90 -25.67
N ILE A 162 12.04 5.22 -26.56
CA ILE A 162 11.97 3.76 -26.61
C ILE A 162 13.37 3.14 -26.59
N ILE A 163 13.50 2.07 -25.83
CA ILE A 163 14.73 1.30 -25.79
C ILE A 163 14.54 0.09 -26.69
N LEU A 164 15.41 -0.02 -27.70
CA LEU A 164 15.40 -1.13 -28.64
C LEU A 164 16.55 -2.06 -28.31
N MET A 165 16.21 -3.27 -27.94
CA MET A 165 17.21 -4.22 -27.49
C MET A 165 17.51 -5.20 -28.60
N HIS A 166 18.77 -5.61 -28.67
CA HIS A 166 19.16 -6.68 -29.56
C HIS A 166 18.68 -8.03 -29.04
N ASN A 167 18.00 -8.77 -29.91
CA ASN A 167 17.51 -10.10 -29.59
C ASN A 167 17.27 -10.81 -30.92
N ARG A 168 17.15 -12.14 -30.89
CA ARG A 168 16.80 -12.93 -32.08
C ARG A 168 16.47 -14.36 -31.67
N ASP A 169 15.67 -15.06 -32.46
CA ASP A 169 15.17 -16.40 -32.11
C ASP A 169 16.22 -17.53 -32.27
N ASN A 170 17.48 -17.15 -32.43
CA ASN A 170 18.59 -18.08 -32.73
C ASN A 170 19.94 -17.47 -32.35
N MET A 171 21.04 -18.21 -32.53
CA MET A 171 22.39 -17.71 -32.23
C MET A 171 23.39 -18.04 -33.31
N ASN A 172 22.90 -18.17 -34.55
CA ASN A 172 23.75 -18.58 -35.65
C ASN A 172 24.42 -17.36 -36.31
N TYR A 173 25.32 -16.73 -35.55
CA TYR A 173 26.00 -15.52 -35.99
C TYR A 173 27.17 -15.80 -36.90
N ARG A 174 27.15 -15.15 -38.06
CA ARG A 174 28.31 -15.03 -38.92
C ARG A 174 29.36 -14.21 -38.19
N ASN A 175 29.07 -12.96 -37.89
CA ASN A 175 29.99 -12.12 -37.13
C ASN A 175 29.24 -11.39 -36.01
N LEU A 176 29.55 -11.73 -34.76
CA LEU A 176 28.73 -11.27 -33.63
C LEU A 176 28.44 -9.77 -33.69
N MET A 177 29.47 -8.96 -33.58
CA MET A 177 29.28 -7.51 -33.58
C MET A 177 28.70 -6.95 -34.87
N ALA A 178 29.17 -7.43 -36.01
CA ALA A 178 28.64 -6.97 -37.28
C ALA A 178 27.15 -7.27 -37.38
N ASP A 179 26.77 -8.48 -36.95
CA ASP A 179 25.37 -8.91 -36.95
C ASP A 179 24.50 -8.20 -35.91
N MET A 180 25.03 -7.88 -34.74
CA MET A 180 24.28 -7.11 -33.76
C MET A 180 23.89 -5.76 -34.36
N ILE A 181 24.90 -4.99 -34.75
CA ILE A 181 24.70 -3.69 -35.42
C ILE A 181 23.71 -3.75 -36.61
N ALA A 182 23.88 -4.72 -37.53
CA ALA A 182 22.85 -4.99 -38.53
C ALA A 182 21.47 -5.18 -37.86
N ASP A 183 21.32 -6.14 -36.95
CA ASP A 183 20.03 -6.46 -36.30
C ASP A 183 19.41 -5.27 -35.60
N LEU A 184 20.24 -4.51 -34.90
CA LEU A 184 19.77 -3.30 -34.24
C LEU A 184 19.27 -2.34 -35.30
N TYR A 185 20.01 -2.19 -36.39
CA TYR A 185 19.56 -1.24 -37.38
C TYR A 185 18.21 -1.62 -37.99
N ASP A 186 17.89 -2.90 -38.02
CA ASP A 186 16.56 -3.34 -38.44
C ASP A 186 15.47 -2.88 -37.47
N SER A 187 15.80 -2.75 -36.18
CA SER A 187 14.85 -2.24 -35.21
C SER A 187 14.58 -0.75 -35.45
N ILE A 188 15.66 0.01 -35.60
CA ILE A 188 15.58 1.44 -35.93
C ILE A 188 14.74 1.70 -37.16
N LYS A 189 14.97 0.93 -38.22
CA LYS A 189 14.19 1.05 -39.45
C LYS A 189 12.69 0.91 -39.19
N ILE A 190 12.30 -0.05 -38.35
CA ILE A 190 10.90 -0.26 -37.98
C ILE A 190 10.38 0.90 -37.15
N ALA A 191 11.18 1.34 -36.17
CA ALA A 191 10.83 2.48 -35.34
C ALA A 191 10.62 3.72 -36.21
N LYS A 192 11.61 4.05 -37.04
CA LYS A 192 11.58 5.30 -37.80
C LYS A 192 10.48 5.36 -38.86
N ASP A 193 10.22 4.23 -39.51
CA ASP A 193 9.12 4.09 -40.45
C ASP A 193 7.78 4.04 -39.73
N ALA A 194 7.81 4.04 -38.40
CA ALA A 194 6.59 4.14 -37.60
C ALA A 194 6.33 5.57 -37.12
N GLY A 195 7.31 6.47 -37.31
CA GLY A 195 7.14 7.87 -36.92
C GLY A 195 7.98 8.31 -35.72
N VAL A 196 8.58 7.35 -35.02
CA VAL A 196 9.49 7.60 -33.89
C VAL A 196 10.65 8.55 -34.30
N ARG A 197 10.87 9.61 -33.51
CA ARG A 197 11.96 10.58 -33.78
C ARG A 197 13.32 10.07 -33.27
N ASP A 198 14.39 10.43 -33.97
CA ASP A 198 15.73 9.96 -33.58
C ASP A 198 16.03 10.18 -32.11
N GLU A 199 15.52 11.27 -31.54
CA GLU A 199 15.86 11.69 -30.18
C GLU A 199 15.14 10.87 -29.12
N ASN A 200 14.15 10.09 -29.55
CA ASN A 200 13.45 9.22 -28.64
C ASN A 200 13.89 7.77 -28.80
N ILE A 201 15.14 7.56 -29.23
CA ILE A 201 15.63 6.20 -29.48
C ILE A 201 16.88 5.90 -28.67
N ILE A 202 16.80 4.83 -27.88
CA ILE A 202 17.94 4.37 -27.10
C ILE A 202 18.23 2.93 -27.53
N LEU A 203 19.50 2.58 -27.67
CA LEU A 203 19.85 1.23 -28.08
C LEU A 203 20.38 0.46 -26.89
N ASP A 204 20.36 -0.86 -26.97
CA ASP A 204 20.82 -1.76 -25.89
C ASP A 204 21.38 -3.03 -26.53
N PRO A 205 22.62 -3.43 -26.16
CA PRO A 205 23.18 -4.60 -26.84
C PRO A 205 22.52 -5.94 -26.48
N GLY A 206 21.63 -5.96 -25.48
CA GLY A 206 20.90 -7.16 -25.13
C GLY A 206 21.76 -8.28 -24.59
N ILE A 207 22.59 -7.96 -23.60
CA ILE A 207 23.43 -8.92 -22.91
C ILE A 207 22.56 -10.02 -22.27
N GLY A 208 22.92 -11.29 -22.47
CA GLY A 208 22.14 -12.40 -21.96
C GLY A 208 21.07 -12.94 -22.90
N PHE A 209 20.92 -12.29 -24.04
CA PHE A 209 19.89 -12.65 -25.00
C PHE A 209 20.43 -13.17 -26.30
N ALA A 210 20.09 -14.43 -26.60
CA ALA A 210 20.56 -15.11 -27.81
C ALA A 210 22.09 -15.08 -27.96
N LYS A 211 22.80 -15.21 -26.83
CA LYS A 211 24.26 -15.12 -26.79
C LYS A 211 24.85 -16.10 -25.81
N THR A 212 25.82 -16.89 -26.24
CA THR A 212 26.52 -17.79 -25.34
C THR A 212 27.33 -17.00 -24.29
N PRO A 213 27.75 -17.68 -23.20
CA PRO A 213 28.55 -16.94 -22.24
C PRO A 213 29.76 -16.27 -22.89
N GLU A 214 30.38 -16.95 -23.85
CA GLU A 214 31.57 -16.42 -24.53
C GLU A 214 31.22 -15.30 -25.49
N GLN A 215 30.02 -15.32 -26.06
CA GLN A 215 29.59 -14.24 -26.96
C GLN A 215 29.28 -12.98 -26.21
N ASN A 216 28.71 -13.12 -25.01
CA ASN A 216 28.44 -12.02 -24.08
C ASN A 216 29.69 -11.23 -23.71
N LEU A 217 30.77 -11.95 -23.40
CA LEU A 217 32.08 -11.32 -23.18
C LEU A 217 32.58 -10.52 -24.39
N GLU A 218 32.51 -11.13 -25.57
CA GLU A 218 32.86 -10.45 -26.82
C GLU A 218 32.05 -9.15 -27.05
N ALA A 219 30.73 -9.22 -26.86
CA ALA A 219 29.90 -8.05 -26.94
C ALA A 219 30.40 -6.99 -25.95
N MET A 220 30.70 -7.40 -24.73
CA MET A 220 31.21 -6.47 -23.72
C MET A 220 32.51 -5.85 -24.20
N ARG A 221 33.43 -6.70 -24.65
CA ARG A 221 34.70 -6.27 -25.17
C ARG A 221 34.57 -5.28 -26.33
N ASN A 222 33.46 -5.33 -27.05
CA ASN A 222 33.31 -4.55 -28.28
C ASN A 222 32.15 -3.55 -28.27
N LEU A 223 31.69 -3.24 -27.06
CA LEU A 223 30.58 -2.34 -26.83
C LEU A 223 30.71 -1.04 -27.60
N GLU A 224 31.89 -0.44 -27.58
CA GLU A 224 32.13 0.88 -28.18
C GLU A 224 31.73 0.99 -29.65
N GLN A 225 31.67 -0.14 -30.34
CA GLN A 225 31.13 -0.15 -31.69
C GLN A 225 29.68 0.37 -31.82
N LEU A 226 28.80 0.08 -30.86
CA LEU A 226 27.42 0.50 -31.05
C LEU A 226 27.30 2.03 -31.19
N ASN A 227 28.28 2.75 -30.64
CA ASN A 227 28.37 4.21 -30.80
C ASN A 227 28.34 4.75 -32.21
N VAL A 228 28.84 4.01 -33.20
CA VAL A 228 28.84 4.51 -34.57
C VAL A 228 27.41 4.79 -35.03
N LEU A 229 26.43 4.08 -34.44
CA LEU A 229 25.04 4.27 -34.84
C LEU A 229 24.43 5.64 -34.41
N GLY A 230 25.10 6.35 -33.50
CA GLY A 230 24.72 7.71 -33.10
C GLY A 230 23.54 7.87 -32.14
N TYR A 231 23.21 6.80 -31.39
CA TYR A 231 22.18 6.86 -30.34
C TYR A 231 22.76 6.52 -28.98
N PRO A 232 22.09 7.00 -27.93
CA PRO A 232 22.42 6.67 -26.57
C PRO A 232 22.23 5.19 -26.35
N VAL A 233 23.12 4.61 -25.55
CA VAL A 233 23.15 3.18 -25.32
C VAL A 233 22.89 2.87 -23.84
N LEU A 234 21.93 1.96 -23.59
CA LEU A 234 21.72 1.43 -22.26
C LEU A 234 22.30 0.04 -22.20
N LEU A 235 22.92 -0.29 -21.07
CA LEU A 235 23.53 -1.58 -20.84
C LEU A 235 22.85 -2.33 -19.69
N GLY A 236 22.42 -3.57 -19.95
CA GLY A 236 21.78 -4.38 -18.92
C GLY A 236 22.49 -5.71 -18.68
N THR A 237 23.30 -5.76 -17.61
CA THR A 237 24.07 -6.98 -17.32
C THR A 237 23.91 -7.45 -15.87
N SER A 238 23.04 -6.77 -15.11
CA SER A 238 22.97 -6.95 -13.66
C SER A 238 22.69 -8.40 -13.28
N ARG A 239 23.64 -8.98 -12.56
CA ARG A 239 23.50 -10.30 -11.95
C ARG A 239 23.32 -11.48 -12.91
N LYS A 240 23.49 -11.25 -14.22
CA LYS A 240 23.22 -12.29 -15.20
C LYS A 240 24.20 -13.45 -15.11
N SER A 241 23.80 -14.60 -15.66
CA SER A 241 24.57 -15.84 -15.53
C SER A 241 25.95 -15.89 -16.21
N PHE A 242 26.18 -15.09 -17.24
CA PHE A 242 27.53 -15.05 -17.83
C PHE A 242 28.58 -14.58 -16.82
N ILE A 243 28.15 -13.76 -15.86
CA ILE A 243 28.98 -13.34 -14.74
C ILE A 243 29.29 -14.55 -13.87
N GLY A 244 28.25 -15.32 -13.57
CA GLY A 244 28.40 -16.55 -12.78
C GLY A 244 29.36 -17.54 -13.44
N HIS A 245 29.24 -17.65 -14.76
CA HIS A 245 30.06 -18.56 -15.57
C HIS A 245 31.55 -18.25 -15.49
N VAL A 246 31.88 -16.98 -15.40
CA VAL A 246 33.26 -16.54 -15.29
C VAL A 246 33.75 -16.73 -13.87
N LEU A 247 32.96 -16.26 -12.91
CA LEU A 247 33.35 -16.27 -11.50
C LEU A 247 33.03 -17.55 -10.74
N ASP A 248 32.27 -18.44 -11.40
CA ASP A 248 31.66 -19.64 -10.79
C ASP A 248 31.02 -19.29 -9.45
N LEU A 249 29.90 -18.58 -9.53
CA LEU A 249 29.26 -17.93 -8.40
C LEU A 249 27.75 -17.76 -8.64
N PRO A 250 26.91 -18.16 -7.66
CA PRO A 250 25.46 -18.05 -7.82
C PRO A 250 24.99 -16.60 -7.80
N VAL A 251 23.70 -16.40 -8.04
CA VAL A 251 23.13 -15.06 -8.31
C VAL A 251 23.30 -14.04 -7.19
N GLU A 252 23.21 -14.48 -5.94
CA GLU A 252 23.35 -13.56 -4.81
C GLU A 252 24.80 -13.13 -4.53
N GLU A 253 25.76 -13.76 -5.22
CA GLU A 253 27.19 -13.40 -5.08
C GLU A 253 27.74 -12.71 -6.34
N ARG A 254 26.90 -11.98 -7.07
CA ARG A 254 27.29 -11.43 -8.37
C ARG A 254 27.48 -9.91 -8.39
N LEU A 255 27.69 -9.32 -7.21
CA LEU A 255 27.78 -7.86 -7.10
C LEU A 255 29.08 -7.27 -7.68
N GLU A 256 30.21 -7.91 -7.38
CA GLU A 256 31.51 -7.44 -7.90
C GLU A 256 31.60 -7.66 -9.41
N GLY A 257 31.16 -8.81 -9.87
CA GLY A 257 31.13 -9.10 -11.29
C GLY A 257 30.32 -8.08 -12.04
N THR A 258 29.13 -7.75 -11.52
CA THR A 258 28.28 -6.70 -12.09
C THR A 258 29.04 -5.37 -12.12
N GLY A 259 29.66 -5.04 -10.99
CA GLY A 259 30.55 -3.90 -10.90
C GLY A 259 31.46 -3.77 -12.11
N ALA A 260 32.25 -4.81 -12.39
CA ALA A 260 33.16 -4.78 -13.53
C ALA A 260 32.44 -4.52 -14.86
N THR A 261 31.33 -5.20 -15.10
CA THR A 261 30.61 -5.02 -16.37
C THR A 261 30.10 -3.57 -16.51
N VAL A 262 29.57 -3.00 -15.42
CA VAL A 262 29.11 -1.59 -15.41
C VAL A 262 30.28 -0.62 -15.63
N CYS A 263 31.44 -0.93 -15.07
CA CYS A 263 32.61 -0.05 -15.24
C CYS A 263 33.13 -0.07 -16.64
N LEU A 264 33.15 -1.24 -17.26
CA LEU A 264 33.70 -1.35 -18.60
C LEU A 264 32.72 -0.73 -19.57
N GLY A 265 31.44 -0.99 -19.35
CA GLY A 265 30.34 -0.34 -20.05
C GLY A 265 30.42 1.15 -20.14
N ILE A 266 30.61 1.81 -19.00
CA ILE A 266 30.65 3.27 -18.95
C ILE A 266 31.87 3.78 -19.67
N GLU A 267 33.01 3.13 -19.48
CA GLU A 267 34.24 3.46 -20.19
C GLU A 267 34.11 3.28 -21.70
N LYS A 268 33.13 2.49 -22.13
CA LYS A 268 32.93 2.26 -23.54
C LYS A 268 31.84 3.14 -24.10
N GLY A 269 31.35 4.05 -23.26
CA GLY A 269 30.46 5.12 -23.67
C GLY A 269 28.99 4.93 -23.38
N CYS A 270 28.66 4.09 -22.43
CA CYS A 270 27.26 3.93 -22.07
C CYS A 270 26.64 5.12 -21.40
N GLU A 271 25.37 5.31 -21.74
CA GLU A 271 24.60 6.40 -21.21
C GLU A 271 23.77 5.98 -19.99
N PHE A 272 23.29 4.74 -19.99
CA PHE A 272 22.46 4.22 -18.92
C PHE A 272 22.95 2.84 -18.48
N VAL A 273 22.77 2.49 -17.22
CA VAL A 273 22.93 1.09 -16.82
C VAL A 273 21.70 0.58 -16.08
N ARG A 274 21.32 -0.66 -16.34
CA ARG A 274 20.13 -1.25 -15.73
C ARG A 274 20.57 -2.22 -14.65
N VAL A 275 20.37 -1.85 -13.39
CA VAL A 275 20.89 -2.63 -12.25
C VAL A 275 19.88 -2.91 -11.13
N HIS A 276 20.19 -3.92 -10.31
CA HIS A 276 19.42 -4.29 -9.13
C HIS A 276 19.99 -3.58 -7.91
N ASP A 277 21.32 -3.63 -7.78
CA ASP A 277 22.03 -3.09 -6.64
C ASP A 277 22.33 -1.60 -6.82
N VAL A 278 21.29 -0.78 -6.69
CA VAL A 278 21.40 0.66 -6.93
C VAL A 278 22.43 1.38 -6.04
N LYS A 279 22.39 1.19 -4.73
CA LYS A 279 23.41 1.82 -3.88
C LYS A 279 24.85 1.62 -4.42
N GLU A 280 25.26 0.37 -4.58
CA GLU A 280 26.64 0.05 -4.98
C GLU A 280 27.00 0.55 -6.39
N MET A 281 26.19 0.18 -7.38
CA MET A 281 26.41 0.51 -8.78
C MET A 281 26.41 1.98 -9.05
N SER A 282 25.73 2.69 -8.16
CA SER A 282 25.55 4.12 -8.30
C SER A 282 26.82 4.85 -7.88
N ARG A 283 27.48 4.36 -6.83
CA ARG A 283 28.80 4.87 -6.43
C ARG A 283 29.90 4.51 -7.42
N MET A 284 29.77 3.37 -8.11
CA MET A 284 30.78 2.98 -9.08
C MET A 284 30.65 3.86 -10.32
N ALA A 285 29.43 4.01 -10.80
CA ALA A 285 29.16 4.93 -11.90
C ALA A 285 29.76 6.32 -11.62
N LYS A 286 29.52 6.84 -10.42
CA LYS A 286 30.04 8.14 -10.03
C LYS A 286 31.57 8.17 -10.06
N MET A 287 32.23 7.15 -9.49
CA MET A 287 33.69 7.11 -9.59
C MET A 287 34.14 7.03 -11.06
N MET A 288 33.50 6.18 -11.86
CA MET A 288 33.77 6.11 -13.29
C MET A 288 33.61 7.47 -13.94
N ASP A 289 32.50 8.16 -13.65
CA ASP A 289 32.27 9.48 -14.26
C ASP A 289 33.41 10.46 -13.94
N ALA A 290 33.80 10.54 -12.67
CA ALA A 290 34.88 11.44 -12.26
C ALA A 290 36.13 11.22 -13.09
N MET A 291 36.47 9.94 -13.28
CA MET A 291 37.72 9.53 -13.88
C MET A 291 37.73 9.73 -15.38
N ILE A 292 36.69 9.25 -16.07
CA ILE A 292 36.66 9.35 -17.53
C ILE A 292 36.45 10.79 -18.01
N GLY A 293 36.22 11.71 -17.07
CA GLY A 293 36.07 13.12 -17.41
C GLY A 293 34.64 13.49 -17.81
N LYS A 294 33.68 12.62 -17.52
CA LYS A 294 32.28 12.89 -17.78
C LYS A 294 31.73 13.79 -16.68
N GLY A 295 31.14 14.91 -17.07
CA GLY A 295 30.48 15.81 -16.11
C GLY A 295 31.37 16.94 -15.65
N LYS B 22 -9.17 3.95 41.03
CA LYS B 22 -10.61 3.61 40.88
C LYS B 22 -10.85 2.25 40.18
N TRP B 23 -10.38 2.07 38.95
CA TRP B 23 -10.44 0.73 38.34
C TRP B 23 -9.25 -0.04 38.87
N ASP B 24 -9.43 -1.30 39.28
CA ASP B 24 -8.29 -2.02 39.84
C ASP B 24 -7.69 -3.03 38.87
N TYR B 25 -7.79 -2.73 37.58
CA TYR B 25 -7.24 -3.57 36.53
C TYR B 25 -7.08 -2.80 35.20
N ASP B 26 -6.25 -3.35 34.30
CA ASP B 26 -6.02 -2.78 32.97
C ASP B 26 -6.78 -3.62 31.95
N LEU B 27 -7.04 -3.06 30.78
CA LEU B 27 -7.53 -3.86 29.69
C LEU B 27 -6.34 -4.52 28.97
N ARG B 28 -6.31 -5.84 29.06
CA ARG B 28 -5.26 -6.61 28.42
C ARG B 28 -5.66 -6.93 26.98
N CYS B 29 -4.83 -6.48 26.02
CA CYS B 29 -5.11 -6.65 24.60
C CYS B 29 -3.88 -7.19 23.88
N GLY B 30 -3.47 -8.40 24.25
CA GLY B 30 -2.27 -9.00 23.66
C GLY B 30 -1.02 -8.19 23.91
N GLU B 31 -0.41 -7.71 22.83
CA GLU B 31 0.77 -6.84 22.90
C GLU B 31 0.59 -5.56 23.74
N TYR B 32 -0.59 -4.94 23.71
CA TYR B 32 -0.82 -3.65 24.39
C TYR B 32 -1.71 -3.74 25.62
N THR B 33 -1.42 -2.87 26.58
CA THR B 33 -2.20 -2.75 27.79
C THR B 33 -2.88 -1.40 27.78
N LEU B 34 -4.17 -1.38 28.11
CA LEU B 34 -4.88 -0.13 28.19
C LEU B 34 -5.27 0.20 29.64
N ASN B 35 -4.77 1.33 30.12
CA ASN B 35 -5.05 1.82 31.46
C ASN B 35 -6.34 2.65 31.53
N LEU B 36 -7.21 2.28 32.47
CA LEU B 36 -8.54 2.88 32.57
C LEU B 36 -8.57 4.09 33.50
N ASN B 37 -7.51 4.33 34.24
CA ASN B 37 -7.53 5.39 35.23
C ASN B 37 -6.81 6.67 34.81
N GLU B 38 -5.82 6.56 33.95
CA GLU B 38 -4.99 7.70 33.55
C GLU B 38 -5.81 8.75 32.80
N LYS B 39 -6.57 8.31 31.79
CA LYS B 39 -7.27 9.23 30.93
C LYS B 39 -8.39 8.56 30.16
N THR B 40 -9.31 9.37 29.63
CA THR B 40 -10.31 8.87 28.70
C THR B 40 -9.63 8.40 27.44
N LEU B 41 -9.91 7.15 27.06
CA LEU B 41 -9.36 6.53 25.86
C LEU B 41 -10.18 6.81 24.61
N ILE B 42 -9.48 7.14 23.53
CA ILE B 42 -10.11 7.57 22.30
C ILE B 42 -10.08 6.42 21.31
N MET B 43 -11.24 6.07 20.78
CA MET B 43 -11.33 5.02 19.75
C MET B 43 -11.68 5.58 18.37
N GLY B 44 -10.66 5.83 17.56
CA GLY B 44 -10.86 6.41 16.24
C GLY B 44 -11.57 5.49 15.27
N ILE B 45 -12.53 6.05 14.54
CA ILE B 45 -13.35 5.30 13.59
C ILE B 45 -12.70 5.23 12.23
N LEU B 46 -12.49 4.00 11.74
CA LEU B 46 -11.95 3.79 10.41
C LEU B 46 -13.04 3.45 9.39
N ASN B 47 -13.17 4.34 8.41
CA ASN B 47 -14.00 4.16 7.21
C ASN B 47 -13.52 3.02 6.26
N VAL B 48 -14.23 1.88 6.29
CA VAL B 48 -13.82 0.68 5.55
C VAL B 48 -14.54 0.55 4.21
N THR B 49 -15.35 1.56 3.89
CA THR B 49 -16.34 1.43 2.82
C THR B 49 -15.91 2.08 1.49
N PRO B 50 -16.10 1.36 0.35
CA PRO B 50 -15.84 1.94 -0.97
C PRO B 50 -16.70 3.18 -1.25
N ASP B 55 -13.62 -4.77 -4.15
CA ASP B 55 -13.75 -6.11 -3.59
C ASP B 55 -13.17 -6.28 -2.18
N GLY B 56 -11.97 -5.73 -1.98
CA GLY B 56 -11.22 -5.89 -0.72
C GLY B 56 -9.84 -6.44 -1.03
N GLY B 57 -8.82 -5.63 -0.75
CA GLY B 57 -7.44 -5.99 -1.05
C GLY B 57 -6.76 -4.98 -1.94
N SER B 58 -7.55 -4.28 -2.77
CA SER B 58 -7.02 -3.29 -3.73
C SER B 58 -6.07 -2.35 -3.01
N TYR B 59 -5.02 -1.93 -3.72
CA TYR B 59 -4.03 -1.07 -3.09
C TYR B 59 -4.67 0.22 -2.58
N ASN B 60 -5.58 0.80 -3.38
CA ASN B 60 -6.17 2.10 -3.06
C ASN B 60 -6.99 2.06 -1.78
N GLU B 61 -7.76 0.98 -1.63
CA GLU B 61 -8.58 0.81 -0.44
C GLU B 61 -7.74 0.66 0.84
N VAL B 62 -6.80 -0.31 0.84
CA VAL B 62 -6.04 -0.61 2.06
C VAL B 62 -5.01 0.48 2.37
N ASP B 63 -4.44 1.08 1.33
CA ASP B 63 -3.48 2.15 1.51
C ASP B 63 -4.12 3.36 2.18
N ALA B 64 -5.34 3.69 1.76
CA ALA B 64 -6.08 4.85 2.29
C ALA B 64 -6.49 4.64 3.73
N ALA B 65 -6.77 3.39 4.08
CA ALA B 65 -7.09 3.03 5.46
C ALA B 65 -5.86 3.12 6.36
N VAL B 66 -4.72 2.62 5.87
CA VAL B 66 -3.46 2.68 6.62
C VAL B 66 -3.05 4.14 6.92
N ARG B 67 -3.11 5.01 5.91
CA ARG B 67 -2.70 6.41 6.09
C ARG B 67 -3.62 7.10 7.07
N HIS B 68 -4.91 6.74 7.00
CA HIS B 68 -5.91 7.31 7.89
C HIS B 68 -5.64 6.86 9.30
N ALA B 69 -5.46 5.56 9.47
CA ALA B 69 -5.08 5.00 10.76
C ALA B 69 -3.81 5.65 11.28
N LYS B 70 -2.86 5.93 10.41
CA LYS B 70 -1.63 6.56 10.85
C LYS B 70 -1.91 7.97 11.33
N GLU B 71 -2.84 8.63 10.66
CA GLU B 71 -3.18 10.00 10.99
C GLU B 71 -3.96 10.10 12.29
N MET B 72 -4.86 9.16 12.56
CA MET B 72 -5.56 9.12 13.85
C MET B 72 -4.60 8.79 14.98
N ARG B 73 -3.70 7.82 14.74
CA ARG B 73 -2.62 7.53 15.69
C ARG B 73 -1.86 8.81 16.00
N ASP B 74 -1.47 9.54 14.97
CA ASP B 74 -0.74 10.79 15.16
C ASP B 74 -1.56 11.86 15.90
N GLU B 75 -2.89 11.80 15.80
CA GLU B 75 -3.77 12.85 16.32
C GLU B 75 -4.20 12.64 17.79
N GLY B 76 -4.00 11.41 18.30
CA GLY B 76 -4.23 11.10 19.72
C GLY B 76 -5.05 9.85 20.03
N ALA B 77 -5.35 9.06 19.00
CA ALA B 77 -6.15 7.85 19.15
C ALA B 77 -5.42 6.78 19.98
N HIS B 78 -6.20 5.96 20.69
CA HIS B 78 -5.67 4.88 21.50
C HIS B 78 -6.12 3.50 21.00
N ILE B 79 -7.19 3.48 20.21
CA ILE B 79 -7.72 2.27 19.56
C ILE B 79 -8.21 2.62 18.14
N ILE B 80 -8.00 1.70 17.20
CA ILE B 80 -8.56 1.84 15.85
C ILE B 80 -9.76 0.89 15.73
N ASP B 81 -10.93 1.43 15.39
CA ASP B 81 -12.10 0.60 15.19
C ASP B 81 -12.36 0.41 13.71
N ILE B 82 -12.28 -0.82 13.25
CA ILE B 82 -12.42 -1.15 11.83
C ILE B 82 -13.79 -1.77 11.55
N GLY B 83 -14.52 -1.17 10.62
CA GLY B 83 -15.97 -1.37 10.48
C GLY B 83 -16.52 -2.39 9.48
N GLY B 84 -16.78 -1.95 8.26
CA GLY B 84 -17.56 -2.77 7.33
C GLY B 84 -19.02 -2.33 7.32
N GLU B 85 -19.79 -2.91 6.38
CA GLU B 85 -21.11 -2.38 5.99
C GLU B 85 -22.12 -2.09 7.12
N SER B 86 -22.28 -3.02 8.05
CA SER B 86 -23.31 -2.88 9.11
C SER B 86 -22.73 -2.56 10.48
N SER B 95 -22.47 -9.54 3.30
CA SER B 95 -22.64 -10.88 3.86
C SER B 95 -21.32 -11.47 4.34
N VAL B 96 -21.43 -12.60 5.03
CA VAL B 96 -20.32 -13.26 5.76
C VAL B 96 -19.03 -13.49 4.97
N GLU B 97 -19.11 -14.20 3.84
CA GLU B 97 -17.92 -14.57 3.06
C GLU B 97 -17.08 -13.38 2.65
N GLU B 98 -17.73 -12.29 2.27
CA GLU B 98 -17.04 -11.11 1.75
C GLU B 98 -16.64 -10.10 2.82
N GLU B 99 -17.40 -9.98 3.90
CA GLU B 99 -17.00 -9.12 5.02
C GLU B 99 -15.62 -9.52 5.50
N ILE B 100 -15.36 -10.83 5.52
CA ILE B 100 -14.03 -11.37 5.76
C ILE B 100 -13.03 -10.87 4.67
N LYS B 101 -13.34 -11.06 3.39
CA LYS B 101 -12.50 -10.53 2.30
C LYS B 101 -12.26 -9.03 2.48
N ARG B 102 -13.32 -8.29 2.79
CA ARG B 102 -13.27 -6.83 2.92
C ARG B 102 -12.32 -6.41 4.00
N VAL B 103 -12.48 -7.00 5.17
CA VAL B 103 -11.94 -6.46 6.42
C VAL B 103 -10.59 -7.06 6.85
N VAL B 104 -10.32 -8.31 6.49
CA VAL B 104 -9.08 -8.98 6.91
C VAL B 104 -7.81 -8.29 6.39
N PRO B 105 -7.71 -8.04 5.06
CA PRO B 105 -6.59 -7.25 4.51
C PRO B 105 -6.36 -5.95 5.27
N MET B 106 -7.45 -5.36 5.75
CA MET B 106 -7.43 -4.13 6.50
C MET B 106 -6.85 -4.28 7.91
N ILE B 107 -7.10 -5.41 8.56
CA ILE B 107 -6.51 -5.66 9.88
C ILE B 107 -5.03 -6.00 9.76
N GLN B 108 -4.69 -6.85 8.80
CA GLN B 108 -3.31 -7.29 8.61
C GLN B 108 -2.39 -6.10 8.37
N ALA B 109 -2.84 -5.14 7.55
CA ALA B 109 -2.04 -3.97 7.23
C ALA B 109 -1.96 -2.98 8.39
N VAL B 110 -3.09 -2.71 9.03
CA VAL B 110 -3.13 -1.73 10.10
C VAL B 110 -2.33 -2.16 11.34
N SER B 111 -2.44 -3.44 11.71
CA SER B 111 -1.70 -3.98 12.86
C SER B 111 -0.20 -4.02 12.58
N LYS B 112 0.17 -4.36 11.35
CA LYS B 112 1.57 -4.40 10.94
C LYS B 112 2.22 -3.02 11.06
N GLU B 113 1.51 -1.98 10.63
CA GLU B 113 2.12 -0.66 10.45
C GLU B 113 1.69 0.41 11.46
N VAL B 114 0.74 0.10 12.35
CA VAL B 114 0.29 1.05 13.36
C VAL B 114 0.23 0.39 14.75
N LYS B 115 1.23 0.67 15.59
CA LYS B 115 1.35 0.06 16.91
C LYS B 115 0.29 0.57 17.88
N LEU B 116 -0.92 0.05 17.76
CA LEU B 116 -2.10 0.52 18.51
C LEU B 116 -3.12 -0.61 18.45
N PRO B 117 -3.92 -0.81 19.51
CA PRO B 117 -4.84 -1.96 19.41
C PRO B 117 -6.00 -1.72 18.45
N ILE B 118 -6.57 -2.81 17.92
CA ILE B 118 -7.59 -2.74 16.89
C ILE B 118 -8.82 -3.50 17.34
N SER B 119 -9.98 -2.85 17.30
CA SER B 119 -11.23 -3.56 17.50
C SER B 119 -11.88 -3.83 16.15
N ILE B 120 -12.49 -5.00 16.03
CA ILE B 120 -13.26 -5.35 14.85
C ILE B 120 -14.75 -5.10 15.13
N ASP B 121 -15.32 -4.15 14.39
CA ASP B 121 -16.72 -3.78 14.56
C ASP B 121 -17.61 -4.71 13.73
N THR B 122 -17.92 -5.87 14.30
CA THR B 122 -18.86 -6.81 13.70
C THR B 122 -19.83 -7.32 14.75
N TYR B 123 -20.80 -8.15 14.32
CA TYR B 123 -21.70 -8.84 15.24
C TYR B 123 -21.80 -10.32 14.92
N LYS B 124 -21.03 -10.78 13.94
CA LYS B 124 -21.09 -12.16 13.45
C LYS B 124 -19.99 -13.01 14.06
N ALA B 125 -20.30 -14.27 14.36
CA ALA B 125 -19.35 -15.17 15.00
C ALA B 125 -18.12 -15.42 14.12
N GLU B 126 -18.35 -15.80 12.87
CA GLU B 126 -17.26 -16.15 11.94
C GLU B 126 -16.34 -14.97 11.62
N VAL B 127 -16.93 -13.77 11.50
CA VAL B 127 -16.16 -12.56 11.15
C VAL B 127 -15.14 -12.22 12.22
N ALA B 128 -15.55 -12.32 13.48
CA ALA B 128 -14.67 -12.02 14.61
C ALA B 128 -13.50 -13.01 14.76
N LYS B 129 -13.79 -14.30 14.59
CA LYS B 129 -12.75 -15.33 14.67
C LYS B 129 -11.61 -15.02 13.68
N GLN B 130 -11.97 -14.84 12.40
CA GLN B 130 -11.01 -14.53 11.32
C GLN B 130 -10.25 -13.25 11.62
N ALA B 131 -10.94 -12.28 12.20
CA ALA B 131 -10.40 -10.94 12.43
C ALA B 131 -9.33 -10.92 13.52
N ILE B 132 -9.48 -11.78 14.51
CA ILE B 132 -8.51 -11.87 15.60
C ILE B 132 -7.32 -12.68 15.13
N GLU B 133 -7.60 -13.71 14.32
CA GLU B 133 -6.59 -14.46 13.58
C GLU B 133 -5.84 -13.55 12.60
N ALA B 134 -6.55 -12.56 12.07
CA ALA B 134 -5.95 -11.54 11.22
C ALA B 134 -5.07 -10.59 12.02
N GLY B 135 -5.36 -10.45 13.32
CA GLY B 135 -4.54 -9.64 14.22
C GLY B 135 -5.28 -8.59 15.03
N ALA B 136 -6.61 -8.75 15.14
CA ALA B 136 -7.47 -7.79 15.86
C ALA B 136 -7.56 -8.15 17.33
N HIS B 137 -7.73 -7.14 18.18
CA HIS B 137 -7.56 -7.29 19.63
C HIS B 137 -8.84 -7.25 20.48
N ILE B 138 -9.83 -6.50 20.01
CA ILE B 138 -11.07 -6.25 20.75
C ILE B 138 -12.23 -6.57 19.82
N ILE B 139 -13.27 -7.20 20.35
CA ILE B 139 -14.50 -7.34 19.58
C ILE B 139 -15.46 -6.25 19.97
N ASN B 140 -16.13 -5.68 18.97
CA ASN B 140 -17.10 -4.62 19.18
C ASN B 140 -18.45 -5.01 18.57
N ASP B 141 -19.36 -5.50 19.41
CA ASP B 141 -20.64 -6.06 18.98
C ASP B 141 -21.80 -5.08 19.22
N ILE B 142 -22.35 -4.56 18.12
CA ILE B 142 -23.49 -3.66 18.16
C ILE B 142 -24.78 -4.40 18.53
N TRP B 143 -24.71 -5.73 18.66
CA TRP B 143 -25.87 -6.49 19.09
C TRP B 143 -25.64 -7.15 20.44
N GLY B 144 -24.42 -7.04 20.93
CA GLY B 144 -24.11 -7.45 22.30
C GLY B 144 -24.36 -8.93 22.55
N ALA B 145 -23.93 -9.76 21.61
CA ALA B 145 -24.09 -11.21 21.68
C ALA B 145 -25.53 -11.68 21.56
N LYS B 146 -26.43 -10.77 21.24
CA LYS B 146 -27.83 -11.15 21.00
C LYS B 146 -28.02 -11.63 19.56
N ALA B 147 -27.31 -11.01 18.62
CA ALA B 147 -27.41 -11.36 17.21
C ALA B 147 -26.91 -12.77 16.93
N GLU B 148 -25.66 -13.04 17.26
CA GLU B 148 -25.08 -14.38 17.11
C GLU B 148 -24.36 -14.79 18.39
N PRO B 149 -25.10 -15.35 19.36
CA PRO B 149 -24.59 -15.74 20.68
C PRO B 149 -23.20 -16.37 20.64
N LYS B 150 -22.98 -17.24 19.65
CA LYS B 150 -21.71 -17.95 19.45
C LYS B 150 -20.47 -17.04 19.33
N ILE B 151 -20.68 -15.73 19.24
CA ILE B 151 -19.61 -14.75 19.21
C ILE B 151 -18.88 -14.66 20.56
N ALA B 152 -19.64 -14.84 21.64
CA ALA B 152 -19.10 -14.78 23.00
C ALA B 152 -18.11 -15.92 23.27
N GLU B 153 -18.39 -17.09 22.69
CA GLU B 153 -17.46 -18.20 22.75
C GLU B 153 -16.13 -17.86 22.11
N VAL B 154 -16.15 -17.01 21.08
CA VAL B 154 -14.93 -16.57 20.41
C VAL B 154 -14.11 -15.64 21.29
N ALA B 155 -14.79 -14.75 22.02
CA ALA B 155 -14.15 -13.84 22.97
C ALA B 155 -13.49 -14.57 24.13
N ALA B 156 -14.19 -15.55 24.69
CA ALA B 156 -13.64 -16.36 25.78
C ALA B 156 -12.52 -17.25 25.24
N HIS B 157 -12.71 -17.76 24.02
CA HIS B 157 -11.73 -18.58 23.32
C HIS B 157 -10.39 -17.84 23.16
N TYR B 158 -10.47 -16.59 22.73
CA TYR B 158 -9.27 -15.78 22.45
C TYR B 158 -8.91 -14.81 23.58
N ASP B 159 -9.67 -14.85 24.67
CA ASP B 159 -9.40 -14.04 25.87
C ASP B 159 -9.30 -12.53 25.60
N VAL B 160 -10.04 -12.04 24.60
CA VAL B 160 -10.00 -10.63 24.20
C VAL B 160 -11.15 -9.85 24.83
N PRO B 161 -11.00 -8.51 24.95
CA PRO B 161 -12.12 -7.72 25.49
C PRO B 161 -13.24 -7.66 24.49
N ILE B 162 -14.47 -7.52 24.95
CA ILE B 162 -15.62 -7.44 24.05
C ILE B 162 -16.51 -6.27 24.48
N ILE B 163 -17.00 -5.50 23.52
CA ILE B 163 -17.90 -4.39 23.80
C ILE B 163 -19.29 -4.89 23.49
N LEU B 164 -20.17 -4.79 24.48
CA LEU B 164 -21.58 -5.18 24.34
C LEU B 164 -22.42 -3.92 24.34
N MET B 165 -23.05 -3.64 23.21
CA MET B 165 -23.75 -2.38 22.99
C MET B 165 -25.25 -2.58 23.20
N HIS B 166 -25.93 -1.55 23.74
CA HIS B 166 -27.37 -1.66 23.83
C HIS B 166 -28.00 -1.56 22.46
N ASN B 167 -28.80 -2.57 22.14
CA ASN B 167 -29.59 -2.59 20.91
C ASN B 167 -30.82 -3.49 21.13
N ARG B 168 -31.91 -3.18 20.42
CA ARG B 168 -33.12 -4.01 20.37
C ARG B 168 -33.88 -3.72 19.08
N ASP B 169 -34.90 -4.54 18.80
CA ASP B 169 -35.60 -4.47 17.51
C ASP B 169 -36.76 -3.46 17.44
N ASN B 170 -37.03 -2.75 18.54
CA ASN B 170 -38.18 -1.86 18.65
C ASN B 170 -37.84 -0.63 19.49
N MET B 171 -38.71 0.39 19.51
CA MET B 171 -38.47 1.60 20.32
C MET B 171 -39.55 1.81 21.38
N ASN B 172 -40.10 0.72 21.91
CA ASN B 172 -41.16 0.75 22.93
C ASN B 172 -40.60 0.57 24.35
N TYR B 173 -40.24 1.69 24.99
CA TYR B 173 -39.65 1.62 26.31
C TYR B 173 -40.66 1.96 27.38
N ARG B 174 -40.71 1.13 28.42
CA ARG B 174 -41.54 1.35 29.59
C ARG B 174 -40.89 2.44 30.45
N ASN B 175 -39.57 2.39 30.56
CA ASN B 175 -38.75 3.36 31.23
C ASN B 175 -37.39 3.18 30.59
N LEU B 176 -36.98 4.16 29.78
CA LEU B 176 -35.78 4.02 28.93
C LEU B 176 -34.59 3.44 29.67
N MET B 177 -34.09 4.15 30.69
CA MET B 177 -32.87 3.76 31.36
C MET B 177 -32.94 2.40 32.04
N ALA B 178 -34.07 2.11 32.68
CA ALA B 178 -34.25 0.85 33.36
C ALA B 178 -34.31 -0.25 32.35
N ASP B 179 -35.02 -0.04 31.25
CA ASP B 179 -35.10 -1.05 30.18
C ASP B 179 -33.75 -1.30 29.49
N MET B 180 -32.94 -0.26 29.36
CA MET B 180 -31.60 -0.38 28.76
C MET B 180 -30.65 -1.21 29.61
N ILE B 181 -30.68 -1.00 30.93
CA ILE B 181 -29.86 -1.74 31.88
C ILE B 181 -30.29 -3.22 31.94
N ALA B 182 -31.59 -3.46 32.02
CA ALA B 182 -32.14 -4.79 31.84
C ALA B 182 -31.54 -5.42 30.57
N ASP B 183 -31.58 -4.67 29.48
CA ASP B 183 -31.11 -5.17 28.19
C ASP B 183 -29.63 -5.53 28.17
N LEU B 184 -28.81 -4.68 28.79
CA LEU B 184 -27.38 -4.91 28.82
C LEU B 184 -27.05 -6.08 29.74
N TYR B 185 -27.78 -6.17 30.85
CA TYR B 185 -27.53 -7.29 31.71
C TYR B 185 -27.91 -8.62 31.04
N ASP B 186 -28.87 -8.59 30.11
CA ASP B 186 -29.18 -9.78 29.32
C ASP B 186 -27.96 -10.20 28.48
N SER B 187 -27.21 -9.22 27.99
CA SER B 187 -25.99 -9.44 27.19
C SER B 187 -24.85 -9.99 28.04
N ILE B 188 -24.59 -9.32 29.17
CA ILE B 188 -23.59 -9.75 30.15
C ILE B 188 -23.79 -11.21 30.52
N LYS B 189 -25.03 -11.59 30.76
CA LYS B 189 -25.40 -12.95 31.13
C LYS B 189 -24.96 -13.91 30.04
N ILE B 190 -25.26 -13.57 28.78
CA ILE B 190 -24.89 -14.38 27.63
C ILE B 190 -23.36 -14.52 27.56
N ALA B 191 -22.68 -13.39 27.71
CA ALA B 191 -21.23 -13.33 27.65
C ALA B 191 -20.60 -14.25 28.67
N LYS B 192 -20.94 -14.07 29.94
CA LYS B 192 -20.34 -14.84 31.03
C LYS B 192 -20.68 -16.32 30.99
N ASP B 193 -21.91 -16.62 30.60
CA ASP B 193 -22.36 -18.00 30.47
C ASP B 193 -21.61 -18.72 29.35
N ALA B 194 -20.97 -17.95 28.46
CA ALA B 194 -20.15 -18.51 27.40
C ALA B 194 -18.67 -18.70 27.78
N GLY B 195 -18.24 -18.06 28.86
CA GLY B 195 -16.88 -18.23 29.38
C GLY B 195 -16.10 -16.95 29.63
N VAL B 196 -16.65 -15.81 29.19
CA VAL B 196 -15.98 -14.49 29.24
C VAL B 196 -15.71 -14.01 30.67
N ARG B 197 -14.45 -13.71 30.97
CA ARG B 197 -14.06 -13.21 32.29
C ARG B 197 -14.56 -11.79 32.43
N ASP B 198 -15.01 -11.43 33.64
CA ASP B 198 -15.59 -10.11 33.90
C ASP B 198 -14.74 -8.97 33.35
N GLU B 199 -13.44 -9.03 33.61
CA GLU B 199 -12.50 -7.96 33.21
C GLU B 199 -12.43 -7.72 31.71
N ASN B 200 -13.09 -8.58 30.93
CA ASN B 200 -13.13 -8.46 29.47
C ASN B 200 -14.43 -7.91 28.91
N ILE B 201 -15.33 -7.45 29.78
CA ILE B 201 -16.58 -6.90 29.32
C ILE B 201 -16.55 -5.38 29.31
N ILE B 202 -17.00 -4.81 28.20
CA ILE B 202 -17.21 -3.39 28.09
C ILE B 202 -18.66 -3.12 27.64
N LEU B 203 -19.28 -2.11 28.24
CA LEU B 203 -20.65 -1.77 27.91
C LEU B 203 -20.75 -0.45 27.15
N ASP B 204 -21.81 -0.31 26.35
CA ASP B 204 -22.03 0.83 25.49
C ASP B 204 -23.55 1.04 25.44
N PRO B 205 -24.01 2.31 25.59
CA PRO B 205 -25.44 2.58 25.63
C PRO B 205 -26.09 2.68 24.24
N GLY B 206 -25.33 2.46 23.17
CA GLY B 206 -25.86 2.46 21.82
C GLY B 206 -26.64 3.69 21.40
N ILE B 207 -26.08 4.87 21.65
CA ILE B 207 -26.68 6.12 21.13
C ILE B 207 -26.84 6.01 19.62
N GLY B 208 -28.06 6.23 19.14
CA GLY B 208 -28.37 6.11 17.72
C GLY B 208 -29.13 4.86 17.32
N PHE B 209 -29.06 3.82 18.16
CA PHE B 209 -29.75 2.57 17.88
C PHE B 209 -31.02 2.46 18.68
N ALA B 210 -32.07 2.02 17.99
CA ALA B 210 -33.41 1.75 18.56
C ALA B 210 -33.88 2.84 19.53
N LYS B 211 -33.57 4.09 19.19
CA LYS B 211 -33.90 5.27 20.00
C LYS B 211 -34.36 6.46 19.13
N THR B 212 -35.53 7.01 19.44
CA THR B 212 -35.95 8.30 18.88
C THR B 212 -34.92 9.36 19.24
N PRO B 213 -34.90 10.50 18.51
CA PRO B 213 -34.09 11.65 18.90
C PRO B 213 -34.17 12.01 20.40
N GLU B 214 -35.39 12.14 20.98
CA GLU B 214 -35.54 12.53 22.38
C GLU B 214 -35.00 11.43 23.31
N GLN B 215 -35.09 10.18 22.87
CA GLN B 215 -34.62 9.10 23.72
C GLN B 215 -33.11 9.16 23.81
N ASN B 216 -32.46 9.46 22.68
CA ASN B 216 -31.01 9.62 22.66
C ASN B 216 -30.61 10.69 23.65
N LEU B 217 -31.33 11.80 23.66
CA LEU B 217 -31.09 12.87 24.62
C LEU B 217 -31.18 12.39 26.05
N GLU B 218 -32.18 11.57 26.35
CA GLU B 218 -32.46 11.10 27.70
C GLU B 218 -31.41 10.11 28.19
N ALA B 219 -30.97 9.25 27.28
CA ALA B 219 -29.89 8.32 27.56
C ALA B 219 -28.66 9.14 27.93
N MET B 220 -28.44 10.21 27.17
CA MET B 220 -27.27 11.04 27.40
C MET B 220 -27.34 11.67 28.78
N ARG B 221 -28.49 12.25 29.09
CA ARG B 221 -28.74 12.90 30.38
C ARG B 221 -28.58 11.94 31.56
N ASN B 222 -28.92 10.67 31.36
CA ASN B 222 -28.92 9.70 32.47
C ASN B 222 -27.84 8.64 32.37
N LEU B 223 -26.82 8.96 31.60
CA LEU B 223 -25.73 8.03 31.31
C LEU B 223 -25.07 7.43 32.52
N GLU B 224 -24.86 8.20 33.57
CA GLU B 224 -24.15 7.71 34.78
C GLU B 224 -24.86 6.57 35.49
N GLN B 225 -26.11 6.30 35.11
CA GLN B 225 -26.82 5.16 35.68
C GLN B 225 -26.20 3.84 35.22
N LEU B 226 -25.51 3.84 34.09
CA LEU B 226 -24.84 2.61 33.66
C LEU B 226 -23.68 2.23 34.56
N ASN B 227 -23.14 3.20 35.29
CA ASN B 227 -22.01 2.91 36.15
C ASN B 227 -22.28 1.89 37.23
N VAL B 228 -23.55 1.70 37.60
CA VAL B 228 -23.88 0.78 38.68
C VAL B 228 -23.67 -0.67 38.28
N LEU B 229 -23.64 -0.93 36.98
CA LEU B 229 -23.39 -2.29 36.55
C LEU B 229 -21.95 -2.74 36.85
N GLY B 230 -21.03 -1.78 36.99
CA GLY B 230 -19.66 -2.07 37.40
C GLY B 230 -18.65 -2.37 36.29
N TYR B 231 -18.99 -2.08 35.04
CA TYR B 231 -18.08 -2.32 33.91
C TYR B 231 -17.72 -1.01 33.24
N PRO B 232 -16.62 -1.00 32.47
CA PRO B 232 -16.31 0.19 31.69
C PRO B 232 -17.37 0.49 30.64
N VAL B 233 -17.50 1.78 30.33
CA VAL B 233 -18.50 2.23 29.37
C VAL B 233 -17.84 2.95 28.19
N LEU B 234 -18.29 2.62 27.00
CA LEU B 234 -17.83 3.29 25.82
C LEU B 234 -18.99 4.05 25.20
N LEU B 235 -18.75 5.30 24.84
CA LEU B 235 -19.78 6.14 24.27
C LEU B 235 -19.53 6.42 22.80
N GLY B 236 -20.50 6.05 21.97
CA GLY B 236 -20.44 6.33 20.53
C GLY B 236 -21.51 7.31 20.08
N THR B 237 -21.10 8.54 19.80
CA THR B 237 -22.09 9.54 19.41
C THR B 237 -21.69 10.31 18.17
N SER B 238 -20.44 10.11 17.73
CA SER B 238 -19.80 10.97 16.72
C SER B 238 -20.65 11.15 15.49
N ARG B 239 -21.01 12.40 15.25
CA ARG B 239 -21.72 12.86 14.03
C ARG B 239 -23.14 12.30 13.80
N LYS B 240 -23.68 11.58 14.79
CA LYS B 240 -24.97 10.92 14.62
C LYS B 240 -26.14 11.90 14.34
N SER B 241 -27.19 11.40 13.72
CA SER B 241 -28.30 12.25 13.26
C SER B 241 -29.05 12.97 14.39
N PHE B 242 -28.94 12.45 15.61
CA PHE B 242 -29.61 13.09 16.73
C PHE B 242 -29.01 14.42 17.09
N ILE B 243 -27.79 14.68 16.61
CA ILE B 243 -27.11 15.95 16.80
C ILE B 243 -27.64 16.91 15.74
N GLY B 244 -27.86 16.36 14.54
CA GLY B 244 -28.51 17.09 13.47
C GLY B 244 -29.86 17.64 13.90
N HIS B 245 -30.65 16.81 14.57
CA HIS B 245 -31.97 17.22 14.97
C HIS B 245 -31.96 18.41 15.93
N VAL B 246 -30.99 18.43 16.83
CA VAL B 246 -30.93 19.53 17.79
C VAL B 246 -30.37 20.77 17.13
N LEU B 247 -29.19 20.64 16.53
CA LEU B 247 -28.49 21.78 15.92
C LEU B 247 -29.00 22.20 14.57
N ASP B 248 -29.84 21.36 13.96
CA ASP B 248 -30.32 21.53 12.55
C ASP B 248 -29.18 21.73 11.55
N LEU B 249 -28.33 20.71 11.44
CA LEU B 249 -27.04 20.80 10.76
C LEU B 249 -26.61 19.44 10.17
N PRO B 250 -26.03 19.42 8.94
CA PRO B 250 -25.73 18.13 8.30
C PRO B 250 -24.47 17.43 8.84
N VAL B 251 -24.27 16.17 8.44
CA VAL B 251 -23.26 15.28 9.04
C VAL B 251 -21.84 15.86 9.08
N GLU B 252 -21.46 16.62 8.07
CA GLU B 252 -20.13 17.23 8.03
C GLU B 252 -20.01 18.48 8.92
N GLU B 253 -21.14 18.95 9.47
CA GLU B 253 -21.15 20.13 10.36
C GLU B 253 -21.47 19.79 11.83
N ARG B 254 -20.97 18.66 12.34
CA ARG B 254 -21.36 18.20 13.68
C ARG B 254 -20.17 17.98 14.62
N LEU B 255 -19.04 18.62 14.33
CA LEU B 255 -17.88 18.56 15.20
C LEU B 255 -18.21 19.11 16.59
N GLU B 256 -18.86 20.28 16.63
CA GLU B 256 -19.20 20.96 17.89
C GLU B 256 -20.24 20.22 18.72
N GLY B 257 -21.27 19.70 18.05
CA GLY B 257 -22.29 18.89 18.73
C GLY B 257 -21.69 17.64 19.35
N THR B 258 -20.77 16.98 18.62
CA THR B 258 -20.13 15.75 19.09
C THR B 258 -19.36 16.06 20.35
N GLY B 259 -18.59 17.15 20.30
CA GLY B 259 -17.80 17.60 21.42
C GLY B 259 -18.61 17.75 22.69
N ALA B 260 -19.83 18.25 22.56
CA ALA B 260 -20.67 18.43 23.74
C ALA B 260 -21.04 17.08 24.34
N THR B 261 -21.46 16.14 23.50
CA THR B 261 -21.80 14.80 23.95
C THR B 261 -20.55 14.10 24.53
N VAL B 262 -19.41 14.23 23.86
CA VAL B 262 -18.17 13.72 24.45
C VAL B 262 -17.91 14.31 25.83
N CYS B 263 -18.02 15.63 25.97
CA CYS B 263 -17.75 16.25 27.25
C CYS B 263 -18.71 15.79 28.35
N LEU B 264 -20.00 15.74 28.05
CA LEU B 264 -20.99 15.23 29.01
C LEU B 264 -20.77 13.75 29.33
N GLY B 265 -20.29 12.97 28.36
CA GLY B 265 -20.13 11.54 28.51
C GLY B 265 -19.03 11.23 29.49
N ILE B 266 -17.87 11.85 29.28
CA ILE B 266 -16.75 11.77 30.19
C ILE B 266 -17.09 12.22 31.61
N GLU B 267 -17.93 13.26 31.71
CA GLU B 267 -18.34 13.79 33.01
C GLU B 267 -19.23 12.79 33.74
N LYS B 268 -19.89 11.93 32.99
CA LYS B 268 -20.79 10.94 33.55
C LYS B 268 -20.12 9.59 33.71
N GLY B 269 -18.81 9.57 33.55
CA GLY B 269 -17.99 8.41 33.86
C GLY B 269 -17.68 7.42 32.76
N CYS B 270 -17.85 7.79 31.50
CA CYS B 270 -17.36 6.96 30.39
C CYS B 270 -15.86 6.75 30.48
N GLU B 271 -15.40 5.60 30.01
CA GLU B 271 -13.97 5.34 29.92
C GLU B 271 -13.44 5.45 28.47
N PHE B 272 -14.32 5.26 27.48
CA PHE B 272 -13.95 5.27 26.08
C PHE B 272 -14.92 6.15 25.32
N VAL B 273 -14.44 6.88 24.33
CA VAL B 273 -15.36 7.53 23.37
C VAL B 273 -14.96 7.13 21.96
N ARG B 274 -15.94 6.90 21.11
CA ARG B 274 -15.72 6.38 19.76
C ARG B 274 -16.00 7.50 18.78
N VAL B 275 -14.95 8.00 18.12
CA VAL B 275 -15.09 9.23 17.34
C VAL B 275 -14.42 9.25 15.97
N HIS B 276 -14.90 10.15 15.12
CA HIS B 276 -14.31 10.44 13.82
C HIS B 276 -13.24 11.51 13.92
N ASP B 277 -13.56 12.63 14.56
CA ASP B 277 -12.66 13.76 14.66
C ASP B 277 -11.66 13.55 15.79
N VAL B 278 -10.65 12.71 15.55
CA VAL B 278 -9.69 12.36 16.57
C VAL B 278 -8.98 13.58 17.18
N LYS B 279 -8.28 14.39 16.39
CA LYS B 279 -7.56 15.57 16.91
C LYS B 279 -8.40 16.41 17.88
N GLU B 280 -9.55 16.90 17.41
CA GLU B 280 -10.46 17.74 18.18
C GLU B 280 -10.96 17.08 19.48
N MET B 281 -11.61 15.92 19.35
CA MET B 281 -12.14 15.19 20.50
C MET B 281 -11.06 14.86 21.51
N SER B 282 -9.90 14.51 20.99
CA SER B 282 -8.79 14.10 21.83
C SER B 282 -8.30 15.24 22.74
N ARG B 283 -8.21 16.46 22.20
CA ARG B 283 -8.01 17.66 23.02
C ARG B 283 -9.13 17.95 24.04
N MET B 284 -10.39 17.86 23.62
CA MET B 284 -11.50 18.16 24.55
C MET B 284 -11.53 17.16 25.69
N ALA B 285 -11.14 15.92 25.38
CA ALA B 285 -11.19 14.86 26.35
C ALA B 285 -10.03 15.03 27.30
N LYS B 286 -8.91 15.53 26.80
CA LYS B 286 -7.75 15.79 27.64
C LYS B 286 -8.14 16.87 28.65
N MET B 287 -8.91 17.85 28.21
CA MET B 287 -9.30 19.00 29.05
C MET B 287 -10.35 18.65 30.11
N MET B 288 -11.30 17.80 29.74
CA MET B 288 -12.23 17.20 30.70
C MET B 288 -11.51 16.45 31.81
N ASP B 289 -10.57 15.60 31.44
CA ASP B 289 -9.84 14.83 32.43
C ASP B 289 -9.17 15.73 33.46
N ALA B 290 -8.63 16.88 33.05
CA ALA B 290 -7.98 17.76 34.02
C ALA B 290 -9.00 18.38 34.94
N MET B 291 -10.19 18.62 34.41
CA MET B 291 -11.20 19.31 35.21
C MET B 291 -11.88 18.39 36.19
N ILE B 292 -12.24 17.19 35.75
CA ILE B 292 -12.87 16.22 36.65
C ILE B 292 -11.83 15.42 37.46
N GLY B 293 -10.55 15.66 37.19
CA GLY B 293 -9.48 15.04 37.97
C GLY B 293 -9.25 13.56 37.73
N LYS B 294 -9.11 13.16 36.46
CA LYS B 294 -8.69 11.79 36.11
C LYS B 294 -7.17 11.60 36.27
#